data_2VV4
#
_entry.id   2VV4
#
_cell.length_a   93.780
_cell.length_b   61.580
_cell.length_c   118.770
_cell.angle_alpha   90.00
_cell.angle_beta   103.64
_cell.angle_gamma   90.00
#
_symmetry.space_group_name_H-M   'C 1 2 1'
#
loop_
_entity.id
_entity.type
_entity.pdbx_description
1 polymer 'PEROXISOME PROLIFERATOR-ACTIVATED RECEPTOR GAMMA'
2 polymer 'PEROXISOME PROLIFERATOR-ACTIVATED RECEPTOR GAMMA'
3 non-polymer '(8R,9Z,12Z)-8-hydroxy-6-oxooctadeca-9,12-dienoic acid'
4 non-polymer '(8E,10S,12Z)-10-hydroxy-6-oxooctadeca-8,12-dienoic acid'
5 water water
#
loop_
_entity_poly.entity_id
_entity_poly.type
_entity_poly.pdbx_seq_one_letter_code
_entity_poly.pdbx_strand_id
1 'polypeptide(L)'
;GALNPESADLRALAKHLYDSYIKSFPLTKAKARAILTGKTTDKSPFVIYDMNSLMMGEDKIKFKHITPLQEQSKEVAIRI
FQGCQFRSVEAVQEITEYAKSIPGFVNLDLNDQVTLLKYGVHEIIYTMLASLMNKDGVLISEGQGFMTREFLKSLRKPFG
DFMEPKFEFAVKFNALELDDSDLAIFIAVIILSGDRPGLLNVKPIEDIQDNLLQALELQLKLNHPESSQLFAKLLQKMTD
LRQIVTEHVQLLQVIKKTETDMSLHPLLQEIYKDLY
;
A
2 'polypeptide(L)'
;GALNPESADLRALAKHLYDSYIKSFPLTKAKARAILTGKTTDKSPFVIYDMQSLMMGEDKIKFKHITPLQEQSKEVAIRI
FQGCQFRSVEAVQEITEYAKSIPGFVNLDLNDQVTLLKYGVHEIIYTMLASLMNKDGVLISEGQGFMTREFLKSLRKPFG
DFMEPKFEFAVKFNALELDDSDLAIFIAVIILSGDRPGLLNVKPIEDIQDNLLQALELQLKLNHPESSQLFAKLLQKMTD
LRQIVTEHVQLLQVIKKTETDMSLHPLLQEIYKDLY
;
B
#
# COMPACT_ATOMS: atom_id res chain seq x y z
N ASN A 4 13.13 21.58 -20.99
CA ASN A 4 12.52 22.62 -20.10
C ASN A 4 13.46 22.87 -18.92
N PRO A 5 13.48 24.11 -18.42
CA PRO A 5 14.35 24.43 -17.28
C PRO A 5 13.91 23.60 -16.08
N GLU A 6 12.61 23.33 -16.01
CA GLU A 6 12.03 22.54 -14.93
C GLU A 6 12.47 21.10 -15.00
N SER A 7 12.19 20.45 -16.13
CA SER A 7 12.58 19.05 -16.28
C SER A 7 14.10 18.93 -16.17
N ALA A 8 14.81 20.02 -16.43
CA ALA A 8 16.27 20.02 -16.35
C ALA A 8 16.72 19.99 -14.89
N ASP A 9 15.93 20.58 -14.00
CA ASP A 9 16.26 20.57 -12.58
C ASP A 9 15.98 19.16 -12.04
N LEU A 10 14.97 18.50 -12.59
CA LEU A 10 14.61 17.16 -12.16
C LEU A 10 15.68 16.13 -12.56
N ARG A 11 16.25 16.29 -13.75
CA ARG A 11 17.29 15.36 -14.20
C ARG A 11 18.52 15.51 -13.32
N ALA A 12 18.82 16.75 -12.93
CA ALA A 12 19.98 17.00 -12.08
C ALA A 12 19.81 16.26 -10.75
N LEU A 13 18.58 16.27 -10.22
CA LEU A 13 18.28 15.59 -8.96
C LEU A 13 18.40 14.07 -9.12
N ALA A 14 17.89 13.55 -10.24
CA ALA A 14 17.96 12.12 -10.52
C ALA A 14 19.43 11.67 -10.57
N LYS A 15 20.23 12.44 -11.30
CA LYS A 15 21.66 12.19 -11.47
C LYS A 15 22.37 12.22 -10.12
N HIS A 16 22.01 13.18 -9.28
CA HIS A 16 22.59 13.33 -7.96
C HIS A 16 22.28 12.08 -7.12
N LEU A 17 21.01 11.71 -7.08
CA LEU A 17 20.59 10.55 -6.32
C LEU A 17 21.24 9.26 -6.81
N TYR A 18 21.33 9.09 -8.12
CA TYR A 18 21.96 7.88 -8.66
C TYR A 18 23.43 7.81 -8.23
N ASP A 19 24.09 8.96 -8.27
CA ASP A 19 25.50 9.05 -7.88
C ASP A 19 25.72 8.67 -6.42
N SER A 20 24.85 9.14 -5.52
CA SER A 20 24.97 8.83 -4.08
C SER A 20 24.64 7.38 -3.79
N TYR A 21 23.71 6.85 -4.58
CA TYR A 21 23.27 5.46 -4.47
C TYR A 21 24.46 4.54 -4.73
N ILE A 22 25.14 4.76 -5.84
CA ILE A 22 26.31 3.97 -6.20
C ILE A 22 27.40 4.07 -5.13
N LYS A 23 27.56 5.26 -4.54
CA LYS A 23 28.57 5.46 -3.51
C LYS A 23 28.16 4.88 -2.15
N SER A 24 26.87 4.62 -1.95
CA SER A 24 26.39 4.09 -0.67
C SER A 24 26.14 2.59 -0.59
N PHE A 25 25.80 1.98 -1.72
CA PHE A 25 25.50 0.54 -1.75
C PHE A 25 26.54 -0.21 -2.55
N PRO A 26 27.37 -1.03 -1.88
CA PRO A 26 28.42 -1.79 -2.56
C PRO A 26 27.93 -2.86 -3.55
N LEU A 27 26.75 -3.41 -3.34
CA LEU A 27 26.24 -4.42 -4.29
C LEU A 27 24.99 -3.92 -5.01
N THR A 28 25.20 -3.38 -6.21
CA THR A 28 24.13 -2.83 -7.04
C THR A 28 23.39 -3.95 -7.79
N LYS A 29 22.22 -3.61 -8.34
CA LYS A 29 21.43 -4.57 -9.12
C LYS A 29 22.19 -4.92 -10.40
N ALA A 30 22.87 -3.94 -10.99
CA ALA A 30 23.63 -4.17 -12.23
C ALA A 30 24.63 -5.31 -12.01
N LYS A 31 25.32 -5.28 -10.88
CA LYS A 31 26.30 -6.31 -10.54
C LYS A 31 25.60 -7.62 -10.12
N ALA A 32 24.48 -7.48 -9.42
CA ALA A 32 23.74 -8.64 -8.97
C ALA A 32 23.26 -9.46 -10.19
N ARG A 33 22.71 -8.78 -11.18
CA ARG A 33 22.24 -9.45 -12.39
C ARG A 33 23.41 -10.08 -13.14
N ALA A 34 24.52 -9.35 -13.23
CA ALA A 34 25.69 -9.86 -13.94
C ALA A 34 26.11 -11.20 -13.33
N ILE A 35 26.09 -11.28 -11.99
CA ILE A 35 26.48 -12.53 -11.32
C ILE A 35 25.44 -13.63 -11.56
N LEU A 36 24.18 -13.27 -11.41
CA LEU A 36 23.04 -14.17 -11.56
C LEU A 36 22.83 -14.79 -12.95
N THR A 37 23.00 -13.99 -13.98
CA THR A 37 22.79 -14.48 -15.34
C THR A 37 24.05 -14.96 -16.04
N GLY A 38 25.11 -15.20 -15.27
CA GLY A 38 26.36 -15.66 -15.88
C GLY A 38 26.95 -14.61 -16.79
N THR A 41 32.13 -16.09 -15.57
CA THR A 41 33.40 -16.81 -15.37
C THR A 41 34.18 -16.39 -14.11
N ASP A 42 34.36 -15.08 -13.91
CA ASP A 42 35.11 -14.60 -12.75
C ASP A 42 34.21 -14.16 -11.58
N LYS A 43 32.90 -14.12 -11.84
CA LYS A 43 31.93 -13.69 -10.85
C LYS A 43 30.99 -14.79 -10.38
N SER A 44 31.31 -16.03 -10.72
CA SER A 44 30.48 -17.18 -10.34
C SER A 44 30.47 -17.45 -8.84
N PRO A 45 29.26 -17.64 -8.27
CA PRO A 45 29.07 -17.90 -6.85
C PRO A 45 29.01 -19.40 -6.53
N PHE A 46 29.32 -19.73 -5.28
CA PHE A 46 29.25 -21.11 -4.80
C PHE A 46 27.79 -21.29 -4.42
N VAL A 47 27.18 -22.42 -4.76
CA VAL A 47 25.77 -22.63 -4.46
C VAL A 47 25.46 -23.51 -3.24
N ILE A 48 24.68 -22.95 -2.31
CA ILE A 48 24.28 -23.68 -1.11
C ILE A 48 22.84 -24.14 -1.30
N TYR A 49 22.65 -25.45 -1.39
CA TYR A 49 21.33 -26.02 -1.62
C TYR A 49 21.00 -27.11 -0.59
N ASP A 50 21.97 -27.41 0.27
CA ASP A 50 21.77 -28.43 1.30
C ASP A 50 22.85 -28.31 2.38
N MET A 51 22.82 -29.24 3.33
CA MET A 51 23.77 -29.23 4.44
C MET A 51 25.24 -29.29 4.08
N ASN A 52 25.66 -30.32 3.34
CA ASN A 52 27.06 -30.45 2.96
C ASN A 52 27.58 -29.25 2.18
N SER A 53 26.77 -28.73 1.26
CA SER A 53 27.19 -27.57 0.49
C SER A 53 27.31 -26.39 1.44
N LEU A 54 26.42 -26.32 2.41
CA LEU A 54 26.45 -25.25 3.41
C LEU A 54 27.78 -25.31 4.15
N MET A 55 28.10 -26.48 4.69
CA MET A 55 29.34 -26.67 5.42
C MET A 55 30.57 -26.42 4.54
N MET A 56 30.44 -26.71 3.25
CA MET A 56 31.53 -26.49 2.31
C MET A 56 31.68 -25.00 2.00
N GLY A 57 30.56 -24.28 2.04
CA GLY A 57 30.57 -22.85 1.76
C GLY A 57 31.51 -22.08 2.68
N GLU A 58 31.68 -22.56 3.90
CA GLU A 58 32.58 -21.90 4.85
C GLU A 58 33.99 -21.97 4.30
N ASP A 59 34.35 -23.13 3.76
CA ASP A 59 35.67 -23.34 3.18
C ASP A 59 36.01 -22.20 2.24
N GLU A 75 20.42 -25.67 14.95
CA GLU A 75 21.40 -24.59 15.02
C GLU A 75 21.72 -24.07 13.63
N VAL A 76 21.40 -24.85 12.62
CA VAL A 76 21.64 -24.45 11.24
C VAL A 76 20.78 -23.25 10.91
N ALA A 77 19.49 -23.34 11.20
CA ALA A 77 18.56 -22.25 10.95
C ALA A 77 18.95 -20.99 11.72
N ILE A 78 19.36 -21.18 12.98
CA ILE A 78 19.76 -20.06 13.82
C ILE A 78 21.04 -19.40 13.31
N ARG A 79 21.93 -20.22 12.75
CA ARG A 79 23.18 -19.70 12.22
C ARG A 79 22.87 -18.83 11.02
N ILE A 80 21.98 -19.30 10.16
CA ILE A 80 21.59 -18.53 8.98
C ILE A 80 20.81 -17.29 9.41
N PHE A 81 19.93 -17.44 10.39
CA PHE A 81 19.11 -16.32 10.84
C PHE A 81 19.91 -15.14 11.41
N GLN A 82 20.97 -15.43 12.16
CA GLN A 82 21.77 -14.35 12.72
C GLN A 82 22.65 -13.77 11.63
N GLY A 83 23.05 -14.59 10.67
CA GLY A 83 23.89 -14.10 9.60
C GLY A 83 23.12 -13.04 8.85
N CYS A 84 21.86 -13.36 8.59
CA CYS A 84 20.94 -12.49 7.90
C CYS A 84 20.62 -11.25 8.78
N GLN A 85 20.67 -11.43 10.10
CA GLN A 85 20.44 -10.32 11.02
C GLN A 85 21.56 -9.29 10.91
N PHE A 86 22.79 -9.79 10.88
CA PHE A 86 24.00 -9.00 10.78
C PHE A 86 23.99 -8.13 9.53
N ARG A 87 23.64 -8.72 8.39
CA ARG A 87 23.59 -7.99 7.13
C ARG A 87 22.54 -6.89 7.15
N SER A 88 21.42 -7.14 7.82
CA SER A 88 20.35 -6.15 7.92
C SER A 88 20.91 -4.92 8.63
N VAL A 89 21.63 -5.15 9.71
CA VAL A 89 22.22 -4.06 10.47
C VAL A 89 23.13 -3.26 9.54
N GLU A 90 23.94 -3.96 8.76
CA GLU A 90 24.84 -3.32 7.81
C GLU A 90 24.05 -2.50 6.80
N ALA A 91 23.00 -3.12 6.25
CA ALA A 91 22.16 -2.45 5.27
C ALA A 91 21.56 -1.20 5.88
N VAL A 92 21.04 -1.31 7.09
CA VAL A 92 20.47 -0.15 7.76
C VAL A 92 21.51 0.98 7.72
N GLN A 93 22.76 0.63 7.99
CA GLN A 93 23.84 1.61 7.97
C GLN A 93 24.07 2.25 6.59
N GLU A 94 23.95 1.46 5.53
CA GLU A 94 24.13 2.00 4.19
C GLU A 94 22.96 2.92 3.81
N ILE A 95 21.74 2.50 4.16
CA ILE A 95 20.55 3.29 3.87
C ILE A 95 20.60 4.63 4.59
N THR A 96 21.09 4.62 5.82
CA THR A 96 21.21 5.85 6.61
C THR A 96 22.19 6.80 5.92
N GLU A 97 23.28 6.26 5.38
CA GLU A 97 24.26 7.10 4.68
C GLU A 97 23.60 7.70 3.44
N TYR A 98 22.87 6.88 2.70
CA TYR A 98 22.20 7.34 1.50
C TYR A 98 21.19 8.45 1.84
N ALA A 99 20.39 8.22 2.88
CA ALA A 99 19.38 9.19 3.30
C ALA A 99 19.91 10.60 3.41
N LYS A 100 21.05 10.75 4.08
CA LYS A 100 21.67 12.07 4.29
C LYS A 100 21.96 12.77 2.96
N SER A 101 22.12 12.01 1.89
CA SER A 101 22.39 12.62 0.59
C SER A 101 21.13 13.18 -0.08
N ILE A 102 19.95 12.76 0.39
CA ILE A 102 18.70 13.25 -0.20
C ILE A 102 18.54 14.72 0.18
N PRO A 103 18.58 15.64 -0.81
CA PRO A 103 18.44 17.07 -0.55
C PRO A 103 17.30 17.41 0.40
N GLY A 104 17.62 18.16 1.45
CA GLY A 104 16.63 18.56 2.42
C GLY A 104 16.53 17.63 3.61
N PHE A 105 16.81 16.34 3.42
CA PHE A 105 16.69 15.39 4.51
C PHE A 105 17.41 15.77 5.81
N VAL A 106 18.67 16.19 5.74
CA VAL A 106 19.39 16.53 6.97
C VAL A 106 18.92 17.82 7.63
N ASN A 107 18.22 18.66 6.87
CA ASN A 107 17.71 19.93 7.40
C ASN A 107 16.40 19.77 8.18
N LEU A 108 15.80 18.58 8.10
CA LEU A 108 14.54 18.27 8.78
C LEU A 108 14.78 18.12 10.28
N ASP A 109 13.70 18.21 11.05
CA ASP A 109 13.76 18.04 12.50
C ASP A 109 14.45 16.69 12.75
N LEU A 110 15.39 16.68 13.69
CA LEU A 110 16.13 15.46 14.00
C LEU A 110 15.22 14.29 14.36
N ASN A 111 14.18 14.57 15.13
CA ASN A 111 13.26 13.51 15.54
C ASN A 111 12.59 12.88 14.33
N ASP A 112 12.26 13.70 13.34
CA ASP A 112 11.61 13.18 12.15
C ASP A 112 12.59 12.37 11.30
N GLN A 113 13.87 12.76 11.29
CA GLN A 113 14.88 12.03 10.53
C GLN A 113 14.91 10.60 11.06
N VAL A 114 14.88 10.47 12.39
CA VAL A 114 14.89 9.16 13.02
C VAL A 114 13.61 8.39 12.69
N THR A 115 12.47 9.08 12.71
CA THR A 115 11.20 8.43 12.42
C THR A 115 11.13 7.94 10.97
N LEU A 116 11.57 8.76 10.03
CA LEU A 116 11.58 8.38 8.63
C LEU A 116 12.46 7.15 8.39
N LEU A 117 13.62 7.12 9.05
CA LEU A 117 14.52 5.99 8.91
C LEU A 117 13.93 4.74 9.55
N LYS A 118 13.37 4.90 10.74
CA LYS A 118 12.78 3.78 11.47
C LYS A 118 11.74 3.01 10.64
N TYR A 119 10.86 3.73 9.95
CA TYR A 119 9.81 3.13 9.15
C TYR A 119 10.19 2.85 7.71
N GLY A 120 11.29 3.44 7.25
CA GLY A 120 11.69 3.23 5.88
C GLY A 120 12.73 2.16 5.57
N VAL A 121 13.67 1.93 6.49
CA VAL A 121 14.73 0.98 6.21
C VAL A 121 14.31 -0.42 5.81
N HIS A 122 13.29 -0.99 6.45
CA HIS A 122 12.89 -2.33 6.06
C HIS A 122 12.17 -2.39 4.71
N GLU A 123 11.40 -1.36 4.38
CA GLU A 123 10.72 -1.35 3.09
C GLU A 123 11.78 -1.25 2.00
N ILE A 124 12.85 -0.50 2.29
CA ILE A 124 13.96 -0.34 1.37
C ILE A 124 14.79 -1.63 1.26
N ILE A 125 15.06 -2.26 2.39
CA ILE A 125 15.83 -3.49 2.40
C ILE A 125 15.21 -4.56 1.49
N TYR A 126 13.90 -4.76 1.62
CA TYR A 126 13.19 -5.74 0.81
C TYR A 126 13.14 -5.34 -0.67
N THR A 127 13.13 -4.03 -0.96
CA THR A 127 13.14 -3.53 -2.32
C THR A 127 14.49 -3.91 -2.96
N MET A 128 15.57 -3.54 -2.27
CA MET A 128 16.92 -3.81 -2.74
C MET A 128 17.26 -5.31 -2.70
N LEU A 129 16.68 -6.04 -1.74
CA LEU A 129 16.92 -7.47 -1.66
C LEU A 129 16.41 -8.15 -2.94
N ALA A 130 15.32 -7.63 -3.51
CA ALA A 130 14.77 -8.22 -4.74
C ALA A 130 15.84 -8.22 -5.83
N SER A 131 16.75 -7.25 -5.78
CA SER A 131 17.82 -7.18 -6.77
C SER A 131 18.77 -8.38 -6.71
N LEU A 132 18.85 -9.01 -5.53
CA LEU A 132 19.76 -10.14 -5.35
C LEU A 132 19.06 -11.49 -5.46
N MET A 133 17.79 -11.48 -5.90
CA MET A 133 17.00 -12.69 -6.02
C MET A 133 16.44 -13.00 -7.42
N ASN A 134 16.14 -14.27 -7.64
CA ASN A 134 15.46 -14.72 -8.84
C ASN A 134 14.52 -15.75 -8.26
N LYS A 135 13.74 -16.43 -9.07
CA LYS A 135 12.78 -17.37 -8.51
C LYS A 135 13.38 -18.53 -7.72
N ASP A 136 14.67 -18.82 -7.93
CA ASP A 136 15.31 -19.96 -7.26
C ASP A 136 16.19 -19.68 -6.05
N GLY A 137 16.61 -18.43 -5.83
CA GLY A 137 17.46 -18.18 -4.67
C GLY A 137 17.97 -16.76 -4.46
N VAL A 138 18.89 -16.63 -3.48
CA VAL A 138 19.47 -15.35 -3.11
C VAL A 138 20.97 -15.29 -3.09
N LEU A 139 21.51 -14.19 -3.60
CA LEU A 139 22.94 -13.94 -3.60
C LEU A 139 23.25 -13.60 -2.13
N ILE A 140 24.36 -14.10 -1.61
CA ILE A 140 24.74 -13.82 -0.22
C ILE A 140 26.21 -13.45 -0.15
N SER A 141 26.64 -13.02 1.02
CA SER A 141 28.02 -12.62 1.23
C SER A 141 28.52 -11.80 0.05
N GLU A 142 27.80 -10.73 -0.25
CA GLU A 142 28.18 -9.84 -1.35
C GLU A 142 28.37 -10.52 -2.70
N GLY A 143 27.45 -11.40 -3.09
CA GLY A 143 27.56 -12.06 -4.38
C GLY A 143 28.49 -13.26 -4.51
N GLN A 144 29.26 -13.58 -3.48
CA GLN A 144 30.16 -14.72 -3.55
C GLN A 144 29.40 -16.02 -3.40
N GLY A 145 28.20 -15.95 -2.85
CA GLY A 145 27.41 -17.15 -2.67
C GLY A 145 25.99 -17.00 -3.19
N PHE A 146 25.29 -18.12 -3.27
CA PHE A 146 23.90 -18.14 -3.73
C PHE A 146 23.23 -19.21 -2.90
N MET A 147 22.26 -18.81 -2.09
CA MET A 147 21.55 -19.75 -1.25
C MET A 147 20.19 -20.05 -1.87
N THR A 148 19.97 -21.33 -2.13
CA THR A 148 18.75 -21.82 -2.76
C THR A 148 17.48 -21.54 -1.96
N ARG A 149 16.43 -21.18 -2.69
CA ARG A 149 15.14 -20.92 -2.08
C ARG A 149 14.59 -22.19 -1.44
N GLU A 150 14.85 -23.32 -2.08
CA GLU A 150 14.38 -24.62 -1.59
C GLU A 150 15.03 -24.94 -0.23
N PHE A 151 16.33 -24.71 -0.13
CA PHE A 151 17.05 -24.95 1.12
C PHE A 151 16.48 -24.08 2.24
N LEU A 152 16.40 -22.79 1.98
CA LEU A 152 15.88 -21.81 2.92
C LEU A 152 14.49 -22.18 3.41
N LYS A 153 13.75 -22.90 2.59
CA LYS A 153 12.38 -23.30 2.91
C LYS A 153 12.33 -24.63 3.66
N SER A 154 13.46 -25.33 3.71
CA SER A 154 13.53 -26.63 4.39
C SER A 154 13.98 -26.48 5.84
N LEU A 155 14.30 -25.26 6.23
CA LEU A 155 14.76 -25.00 7.59
C LEU A 155 13.69 -25.24 8.66
N ARG A 156 14.16 -25.57 9.87
CA ARG A 156 13.31 -25.83 11.02
C ARG A 156 12.27 -24.72 11.22
N LYS A 157 11.11 -25.09 11.73
CA LYS A 157 10.03 -24.14 11.98
C LYS A 157 10.46 -23.27 13.17
N PRO A 158 10.15 -21.96 13.14
CA PRO A 158 9.43 -21.23 12.09
C PRO A 158 10.37 -20.52 11.11
N PHE A 159 11.64 -20.91 11.10
CA PHE A 159 12.62 -20.30 10.21
C PHE A 159 12.35 -20.61 8.74
N GLY A 160 11.87 -21.83 8.46
CA GLY A 160 11.59 -22.22 7.10
C GLY A 160 10.61 -21.31 6.37
N ASP A 161 9.88 -20.51 7.14
CA ASP A 161 8.89 -19.60 6.58
C ASP A 161 9.33 -18.13 6.49
N PHE A 162 10.57 -17.84 6.85
CA PHE A 162 11.03 -16.46 6.82
C PHE A 162 11.25 -15.80 5.45
N MET A 163 11.78 -16.55 4.49
CA MET A 163 12.06 -15.96 3.19
C MET A 163 11.02 -16.06 2.09
N GLU A 164 10.18 -17.10 2.13
CA GLU A 164 9.17 -17.25 1.08
C GLU A 164 8.46 -15.96 0.68
N PRO A 165 7.93 -15.21 1.65
CA PRO A 165 7.23 -13.96 1.33
C PRO A 165 8.10 -12.96 0.57
N LYS A 166 9.40 -12.93 0.87
CA LYS A 166 10.32 -12.01 0.20
C LYS A 166 10.54 -12.43 -1.25
N PHE A 167 10.61 -13.74 -1.50
CA PHE A 167 10.80 -14.24 -2.85
C PHE A 167 9.57 -13.95 -3.70
N GLU A 168 8.39 -14.19 -3.13
CA GLU A 168 7.14 -13.94 -3.84
C GLU A 168 7.05 -12.50 -4.33
N PHE A 169 7.47 -11.57 -3.48
CA PHE A 169 7.47 -10.16 -3.83
C PHE A 169 8.51 -9.91 -4.94
N ALA A 170 9.73 -10.39 -4.73
CA ALA A 170 10.80 -10.19 -5.69
C ALA A 170 10.48 -10.64 -7.11
N VAL A 171 9.86 -11.81 -7.24
CA VAL A 171 9.49 -12.35 -8.57
C VAL A 171 8.60 -11.37 -9.34
N LYS A 172 7.65 -10.76 -8.63
CA LYS A 172 6.71 -9.81 -9.21
C LYS A 172 7.37 -8.44 -9.38
N PHE A 173 8.10 -8.01 -8.36
CA PHE A 173 8.76 -6.71 -8.44
C PHE A 173 9.81 -6.74 -9.54
N ASN A 174 10.58 -7.82 -9.62
CA ASN A 174 11.60 -7.90 -10.65
C ASN A 174 11.01 -7.85 -12.06
N ALA A 175 9.73 -8.15 -12.18
CA ALA A 175 9.07 -8.13 -13.48
C ALA A 175 8.97 -6.71 -14.04
N LEU A 176 9.17 -5.71 -13.18
CA LEU A 176 9.11 -4.33 -13.63
C LEU A 176 10.35 -3.94 -14.41
N GLU A 177 11.42 -4.70 -14.23
CA GLU A 177 12.69 -4.45 -14.93
C GLU A 177 13.33 -3.09 -14.63
N LEU A 178 13.30 -2.69 -13.37
CA LEU A 178 13.90 -1.42 -12.98
C LEU A 178 15.41 -1.58 -12.87
N ASP A 179 16.16 -0.52 -13.18
CA ASP A 179 17.60 -0.59 -13.03
C ASP A 179 17.98 0.33 -11.84
N ASP A 180 19.25 0.34 -11.46
CA ASP A 180 19.70 1.13 -10.33
C ASP A 180 19.34 2.61 -10.35
N SER A 181 19.43 3.25 -11.52
CA SER A 181 19.11 4.65 -11.59
C SER A 181 17.64 4.89 -11.25
N ASP A 182 16.77 3.89 -11.53
CA ASP A 182 15.36 4.03 -11.21
C ASP A 182 15.17 3.85 -9.70
N LEU A 183 15.77 2.78 -9.18
CA LEU A 183 15.67 2.43 -7.76
C LEU A 183 16.17 3.54 -6.84
N ALA A 184 17.22 4.22 -7.27
CA ALA A 184 17.78 5.30 -6.46
C ALA A 184 16.68 6.31 -6.08
N ILE A 185 15.91 6.77 -7.06
CA ILE A 185 14.87 7.75 -6.78
C ILE A 185 13.70 7.13 -6.04
N PHE A 186 13.40 5.88 -6.35
CA PHE A 186 12.31 5.17 -5.70
C PHE A 186 12.56 4.99 -4.21
N ILE A 187 13.76 4.60 -3.81
CA ILE A 187 13.98 4.44 -2.37
C ILE A 187 13.98 5.81 -1.68
N ALA A 188 14.35 6.86 -2.40
CA ALA A 188 14.34 8.21 -1.82
C ALA A 188 12.88 8.57 -1.53
N VAL A 189 11.99 8.21 -2.47
CA VAL A 189 10.55 8.48 -2.30
C VAL A 189 10.02 7.71 -1.07
N ILE A 190 10.46 6.47 -0.90
CA ILE A 190 10.04 5.64 0.23
C ILE A 190 10.42 6.29 1.55
N ILE A 191 11.67 6.74 1.66
CA ILE A 191 12.13 7.35 2.90
C ILE A 191 11.34 8.60 3.28
N LEU A 192 11.05 9.45 2.30
CA LEU A 192 10.34 10.69 2.59
C LEU A 192 8.82 10.57 2.46
N SER A 193 8.24 9.72 3.30
CA SER A 193 6.79 9.50 3.33
C SER A 193 6.22 10.36 4.44
N GLY A 194 5.38 11.32 4.08
CA GLY A 194 4.80 12.19 5.09
C GLY A 194 3.73 11.52 5.94
N ASP A 195 3.39 10.27 5.60
CA ASP A 195 2.37 9.54 6.33
C ASP A 195 2.91 8.57 7.38
N ARG A 196 4.13 8.81 7.85
CA ARG A 196 4.71 7.93 8.87
C ARG A 196 4.19 8.32 10.26
N PRO A 197 3.97 7.33 11.14
CA PRO A 197 3.47 7.62 12.49
C PRO A 197 4.40 8.51 13.32
N GLY A 198 3.82 9.48 14.01
CA GLY A 198 4.59 10.35 14.87
C GLY A 198 5.37 11.50 14.25
N LEU A 199 5.16 11.76 12.97
CA LEU A 199 5.88 12.85 12.33
C LEU A 199 5.44 14.20 12.87
N LEU A 200 6.42 15.01 13.27
CA LEU A 200 6.15 16.33 13.80
C LEU A 200 5.75 17.32 12.71
N ASN A 201 6.62 17.49 11.72
CA ASN A 201 6.35 18.42 10.61
C ASN A 201 6.23 17.66 9.30
N VAL A 202 4.99 17.40 8.89
CA VAL A 202 4.71 16.67 7.66
C VAL A 202 4.91 17.48 6.38
N LYS A 203 4.67 18.79 6.45
CA LYS A 203 4.80 19.66 5.29
C LYS A 203 6.16 19.63 4.59
N PRO A 204 7.25 19.94 5.31
CA PRO A 204 8.60 19.93 4.72
C PRO A 204 8.92 18.61 4.02
N ILE A 205 8.45 17.52 4.62
CA ILE A 205 8.68 16.17 4.10
C ILE A 205 7.93 15.94 2.79
N GLU A 206 6.65 16.32 2.74
CA GLU A 206 5.85 16.17 1.54
C GLU A 206 6.38 17.01 0.39
N ASP A 207 6.84 18.24 0.71
CA ASP A 207 7.38 19.10 -0.33
C ASP A 207 8.59 18.40 -0.96
N ILE A 208 9.38 17.73 -0.14
CA ILE A 208 10.54 17.01 -0.66
C ILE A 208 10.09 15.80 -1.47
N GLN A 209 9.19 14.99 -0.90
CA GLN A 209 8.73 13.80 -1.61
C GLN A 209 8.08 14.15 -2.94
N ASP A 210 7.37 15.27 -2.94
CA ASP A 210 6.67 15.78 -4.12
C ASP A 210 7.70 15.98 -5.22
N ASN A 211 8.84 16.55 -4.85
CA ASN A 211 9.92 16.83 -5.77
C ASN A 211 10.55 15.53 -6.26
N LEU A 212 10.65 14.55 -5.36
CA LEU A 212 11.20 13.25 -5.71
C LEU A 212 10.25 12.50 -6.65
N LEU A 213 8.95 12.56 -6.37
CA LEU A 213 7.96 11.90 -7.21
C LEU A 213 8.03 12.48 -8.61
N GLN A 214 8.20 13.79 -8.68
CA GLN A 214 8.30 14.48 -9.95
C GLN A 214 9.53 13.96 -10.69
N ALA A 215 10.62 13.74 -9.96
CA ALA A 215 11.86 13.24 -10.58
C ALA A 215 11.72 11.79 -11.01
N LEU A 216 11.06 10.97 -10.20
CA LEU A 216 10.83 9.56 -10.52
C LEU A 216 9.98 9.41 -11.78
N GLU A 217 8.90 10.19 -11.86
CA GLU A 217 7.99 10.16 -12.99
C GLU A 217 8.72 10.42 -14.30
N LEU A 218 9.52 11.49 -14.32
CA LEU A 218 10.30 11.83 -15.52
C LEU A 218 11.31 10.72 -15.86
N GLN A 219 11.99 10.22 -14.84
CA GLN A 219 12.98 9.15 -15.00
C GLN A 219 12.35 7.92 -15.66
N LEU A 220 11.22 7.49 -15.12
CA LEU A 220 10.52 6.33 -15.69
C LEU A 220 10.08 6.59 -17.13
N LYS A 221 9.57 7.80 -17.38
CA LYS A 221 9.13 8.19 -18.71
C LYS A 221 10.25 8.12 -19.74
N LEU A 222 11.41 8.65 -19.37
CA LEU A 222 12.57 8.67 -20.26
C LEU A 222 13.29 7.33 -20.38
N ASN A 223 13.49 6.65 -19.25
CA ASN A 223 14.20 5.39 -19.22
C ASN A 223 13.37 4.18 -19.69
N HIS A 224 12.04 4.31 -19.66
CA HIS A 224 11.14 3.23 -20.09
C HIS A 224 9.99 3.82 -20.91
N PRO A 225 10.31 4.46 -22.05
CA PRO A 225 9.25 5.06 -22.88
C PRO A 225 8.13 4.12 -23.29
N GLU A 226 8.47 2.84 -23.51
CA GLU A 226 7.48 1.85 -23.92
C GLU A 226 6.79 1.09 -22.79
N SER A 227 7.00 1.52 -21.55
CA SER A 227 6.37 0.83 -20.42
C SER A 227 5.25 1.71 -19.84
N SER A 228 4.04 1.49 -20.35
CA SER A 228 2.85 2.25 -19.96
C SER A 228 2.47 2.17 -18.47
N GLN A 229 2.37 3.33 -17.83
CA GLN A 229 1.99 3.45 -16.43
C GLN A 229 2.93 2.74 -15.45
N LEU A 230 4.21 2.64 -15.81
CA LEU A 230 5.18 2.00 -14.93
C LEU A 230 5.18 2.76 -13.59
N PHE A 231 5.09 4.08 -13.69
CA PHE A 231 5.09 4.94 -12.51
C PHE A 231 4.00 4.49 -11.53
N ALA A 232 2.76 4.41 -12.00
CA ALA A 232 1.66 3.97 -11.13
C ALA A 232 1.90 2.53 -10.67
N LYS A 233 2.37 1.68 -11.57
CA LYS A 233 2.61 0.29 -11.19
C LYS A 233 3.69 0.18 -10.12
N LEU A 234 4.69 1.05 -10.16
CA LEU A 234 5.74 1.01 -9.15
C LEU A 234 5.19 1.48 -7.82
N LEU A 235 4.40 2.56 -7.84
CA LEU A 235 3.81 3.08 -6.60
C LEU A 235 2.92 2.07 -5.89
N GLN A 236 2.18 1.28 -6.65
CA GLN A 236 1.30 0.26 -6.08
C GLN A 236 2.12 -0.80 -5.35
N LYS A 237 3.37 -0.99 -5.78
CA LYS A 237 4.24 -1.97 -5.15
C LYS A 237 4.54 -1.59 -3.70
N MET A 238 4.43 -0.30 -3.40
CA MET A 238 4.67 0.18 -2.04
C MET A 238 3.67 -0.46 -1.08
N THR A 239 2.62 -1.06 -1.63
CA THR A 239 1.60 -1.72 -0.84
C THR A 239 2.13 -3.09 -0.40
N ASP A 240 2.76 -3.78 -1.34
CA ASP A 240 3.31 -5.11 -1.10
C ASP A 240 4.42 -5.08 -0.05
N LEU A 241 5.24 -4.03 -0.07
CA LEU A 241 6.34 -3.91 0.89
C LEU A 241 5.79 -3.82 2.31
N ARG A 242 4.83 -2.93 2.52
CA ARG A 242 4.24 -2.75 3.84
C ARG A 242 3.74 -4.08 4.41
N GLN A 243 3.16 -4.92 3.55
CA GLN A 243 2.64 -6.20 4.00
C GLN A 243 3.75 -7.16 4.46
N ILE A 244 4.79 -7.29 3.65
CA ILE A 244 5.88 -8.19 4.00
C ILE A 244 6.57 -7.79 5.29
N VAL A 245 6.63 -6.49 5.59
CA VAL A 245 7.28 -6.07 6.84
C VAL A 245 6.38 -6.43 8.02
N THR A 246 5.08 -6.13 7.89
CA THR A 246 4.12 -6.45 8.93
C THR A 246 4.14 -7.97 9.18
N GLU A 247 4.18 -8.73 8.10
CA GLU A 247 4.22 -10.18 8.19
C GLU A 247 5.50 -10.61 8.88
N HIS A 248 6.61 -9.92 8.58
CA HIS A 248 7.91 -10.23 9.16
C HIS A 248 7.97 -10.03 10.66
N VAL A 249 7.46 -8.90 11.14
CA VAL A 249 7.48 -8.62 12.57
C VAL A 249 6.69 -9.65 13.34
N GLN A 250 5.61 -10.16 12.76
CA GLN A 250 4.81 -11.18 13.43
C GLN A 250 5.63 -12.44 13.62
N LEU A 251 6.48 -12.76 12.64
CA LEU A 251 7.33 -13.94 12.73
C LEU A 251 8.41 -13.77 13.79
N LEU A 252 8.83 -12.53 14.02
CA LEU A 252 9.84 -12.27 15.03
C LEU A 252 9.27 -12.44 16.44
N GLN A 253 7.96 -12.24 16.60
CA GLN A 253 7.34 -12.42 17.90
C GLN A 253 7.35 -13.90 18.24
N VAL A 254 7.19 -14.74 17.22
CA VAL A 254 7.20 -16.18 17.42
C VAL A 254 8.58 -16.65 17.85
N ILE A 255 9.60 -16.15 17.16
CA ILE A 255 10.98 -16.52 17.44
C ILE A 255 11.39 -16.16 18.86
N LYS A 256 11.01 -14.97 19.31
CA LYS A 256 11.34 -14.52 20.65
C LYS A 256 10.82 -15.47 21.73
N LYS A 257 9.71 -16.14 21.45
CA LYS A 257 9.11 -17.05 22.42
C LYS A 257 9.60 -18.50 22.32
N THR A 258 9.90 -18.96 21.10
CA THR A 258 10.37 -20.32 20.94
C THR A 258 11.89 -20.43 21.06
N GLU A 259 12.59 -19.33 20.79
CA GLU A 259 14.05 -19.32 20.89
C GLU A 259 14.50 -18.28 21.91
N THR A 260 14.19 -18.50 23.18
CA THR A 260 14.57 -17.54 24.21
C THR A 260 16.09 -17.48 24.42
N ASP A 261 16.82 -18.35 23.73
CA ASP A 261 18.27 -18.38 23.83
C ASP A 261 18.93 -17.73 22.63
N MET A 262 18.12 -17.38 21.62
CA MET A 262 18.66 -16.74 20.42
C MET A 262 18.71 -15.24 20.62
N SER A 263 19.86 -14.65 20.29
CA SER A 263 20.08 -13.21 20.45
C SER A 263 19.59 -12.37 19.27
N LEU A 264 19.06 -11.19 19.57
CA LEU A 264 18.55 -10.26 18.55
C LEU A 264 19.26 -8.92 18.69
N HIS A 265 19.82 -8.43 17.58
CA HIS A 265 20.56 -7.17 17.56
C HIS A 265 19.73 -5.97 18.01
N PRO A 266 20.26 -5.16 18.94
CA PRO A 266 19.64 -3.96 19.52
C PRO A 266 19.07 -2.97 18.50
N LEU A 267 19.85 -2.63 17.49
CA LEU A 267 19.42 -1.69 16.45
C LEU A 267 18.11 -2.16 15.81
N LEU A 268 18.04 -3.46 15.53
CA LEU A 268 16.86 -4.07 14.93
C LEU A 268 15.67 -4.02 15.89
N GLN A 269 15.92 -4.27 17.17
CA GLN A 269 14.85 -4.24 18.16
C GLN A 269 14.30 -2.83 18.33
N GLU A 270 15.17 -1.83 18.20
CA GLU A 270 14.76 -0.44 18.35
C GLU A 270 13.88 0.00 17.19
N ILE A 271 14.09 -0.60 16.02
CA ILE A 271 13.29 -0.27 14.85
C ILE A 271 11.92 -0.95 14.87
N TYR A 272 11.85 -2.12 15.51
CA TYR A 272 10.61 -2.88 15.59
C TYR A 272 9.59 -2.51 16.67
N LYS A 273 9.90 -1.53 17.50
CA LYS A 273 8.97 -1.11 18.56
C LYS A 273 7.77 -0.35 17.98
N ASP A 274 7.52 -0.51 16.69
CA ASP A 274 6.41 0.16 16.03
C ASP A 274 5.21 -0.76 15.84
N PRO B 5 -4.96 12.22 -29.67
CA PRO B 5 -5.83 11.11 -30.12
C PRO B 5 -6.51 10.44 -28.93
N GLU B 6 -5.70 9.99 -27.97
CA GLU B 6 -6.19 9.35 -26.76
C GLU B 6 -7.07 10.26 -25.92
N SER B 7 -6.62 11.50 -25.73
CA SER B 7 -7.35 12.48 -24.93
C SER B 7 -8.86 12.36 -25.08
N ALA B 8 -9.31 12.16 -26.32
CA ALA B 8 -10.74 12.04 -26.60
C ALA B 8 -11.34 10.79 -25.96
N ASP B 9 -10.66 9.66 -26.13
CA ASP B 9 -11.11 8.40 -25.58
C ASP B 9 -11.00 8.42 -24.06
N LEU B 10 -10.07 9.22 -23.54
CA LEU B 10 -9.87 9.33 -22.09
C LEU B 10 -10.93 10.20 -21.42
N ARG B 11 -11.26 11.32 -22.05
CA ARG B 11 -12.30 12.21 -21.51
C ARG B 11 -13.63 11.47 -21.57
N ALA B 12 -13.86 10.77 -22.67
CA ALA B 12 -15.09 10.01 -22.86
C ALA B 12 -15.22 8.94 -21.77
N LEU B 13 -14.10 8.30 -21.45
CA LEU B 13 -14.08 7.27 -20.41
C LEU B 13 -14.44 7.91 -19.07
N ALA B 14 -13.75 8.99 -18.73
CA ALA B 14 -13.98 9.70 -17.47
C ALA B 14 -15.46 10.05 -17.32
N LYS B 15 -16.00 10.69 -18.36
CA LYS B 15 -17.40 11.11 -18.38
C LYS B 15 -18.30 9.88 -18.26
N HIS B 16 -17.97 8.82 -18.99
CA HIS B 16 -18.79 7.60 -18.93
C HIS B 16 -18.88 7.08 -17.49
N LEU B 17 -17.71 6.96 -16.85
CA LEU B 17 -17.66 6.45 -15.49
C LEU B 17 -18.38 7.38 -14.53
N TYR B 18 -18.22 8.68 -14.73
CA TYR B 18 -18.89 9.64 -13.85
C TYR B 18 -20.40 9.44 -13.92
N ASP B 19 -20.96 9.48 -15.14
CA ASP B 19 -22.41 9.29 -15.28
C ASP B 19 -22.85 8.01 -14.61
N SER B 20 -22.17 6.91 -14.89
CA SER B 20 -22.49 5.61 -14.32
C SER B 20 -22.43 5.63 -12.79
N TYR B 21 -21.40 6.28 -12.26
CA TYR B 21 -21.21 6.40 -10.81
C TYR B 21 -22.43 7.15 -10.23
N ILE B 22 -22.86 8.22 -10.88
CA ILE B 22 -24.02 8.99 -10.42
C ILE B 22 -25.29 8.15 -10.37
N LYS B 23 -25.43 7.24 -11.34
CA LYS B 23 -26.59 6.38 -11.42
C LYS B 23 -26.60 5.23 -10.41
N SER B 24 -25.42 4.79 -9.99
CA SER B 24 -25.33 3.68 -9.03
C SER B 24 -25.24 4.07 -7.55
N PHE B 25 -24.68 5.23 -7.26
CA PHE B 25 -24.57 5.64 -5.88
C PHE B 25 -25.49 6.81 -5.54
N PRO B 26 -26.56 6.54 -4.79
CA PRO B 26 -27.53 7.58 -4.41
C PRO B 26 -26.90 8.79 -3.72
N LEU B 27 -26.17 8.57 -2.63
CA LEU B 27 -25.56 9.69 -1.90
C LEU B 27 -24.12 10.00 -2.38
N THR B 28 -23.99 11.01 -3.23
CA THR B 28 -22.68 11.40 -3.74
C THR B 28 -21.88 12.24 -2.74
N LYS B 29 -20.61 12.50 -3.07
CA LYS B 29 -19.76 13.28 -2.17
C LYS B 29 -20.17 14.75 -2.18
N ALA B 30 -20.50 15.28 -3.36
CA ALA B 30 -20.92 16.67 -3.48
C ALA B 30 -22.14 16.84 -2.57
N LYS B 31 -23.05 15.87 -2.63
CA LYS B 31 -24.25 15.89 -1.82
C LYS B 31 -23.91 15.77 -0.34
N ALA B 32 -23.04 14.83 0.01
CA ALA B 32 -22.64 14.62 1.40
C ALA B 32 -21.89 15.80 2.00
N ARG B 33 -21.14 16.52 1.16
CA ARG B 33 -20.37 17.69 1.62
C ARG B 33 -21.27 18.88 1.93
N ALA B 34 -22.25 19.10 1.05
CA ALA B 34 -23.19 20.19 1.24
C ALA B 34 -23.93 19.99 2.56
N ILE B 35 -24.05 18.73 2.98
CA ILE B 35 -24.75 18.39 4.22
C ILE B 35 -23.87 18.48 5.47
N LEU B 36 -22.59 18.21 5.33
CA LEU B 36 -21.68 18.27 6.48
C LEU B 36 -21.32 19.72 6.82
N THR B 37 -21.62 20.62 5.91
CA THR B 37 -21.31 22.04 6.11
C THR B 37 -22.58 22.89 6.18
N GLY B 38 -22.92 23.56 5.10
CA GLY B 38 -24.11 24.39 5.09
C GLY B 38 -25.07 24.02 3.97
N THR B 40 -26.51 23.49 1.33
CA THR B 40 -27.75 22.88 0.88
C THR B 40 -28.95 23.53 1.57
N THR B 41 -30.05 23.65 0.83
CA THR B 41 -31.26 24.26 1.37
C THR B 41 -32.32 23.21 1.71
N ASP B 42 -32.04 22.41 2.73
CA ASP B 42 -32.99 21.38 3.17
C ASP B 42 -32.80 21.01 4.63
N LYS B 43 -33.52 19.97 5.06
CA LYS B 43 -33.47 19.51 6.44
C LYS B 43 -32.07 19.12 6.93
N SER B 44 -31.81 19.41 8.20
CA SER B 44 -30.54 19.09 8.84
C SER B 44 -30.65 17.69 9.42
N PRO B 45 -29.62 16.84 9.21
CA PRO B 45 -29.58 15.46 9.70
C PRO B 45 -29.86 15.28 11.18
N PHE B 46 -30.43 14.13 11.53
CA PHE B 46 -30.71 13.81 12.92
C PHE B 46 -29.37 13.36 13.53
N VAL B 47 -28.89 14.06 14.54
CA VAL B 47 -27.62 13.72 15.17
C VAL B 47 -27.71 12.68 16.28
N ILE B 48 -26.80 11.72 16.26
CA ILE B 48 -26.74 10.67 17.27
C ILE B 48 -25.40 10.86 17.95
N TYR B 49 -25.43 11.37 19.18
CA TYR B 49 -24.21 11.65 19.93
C TYR B 49 -24.07 10.88 21.23
N ASP B 50 -25.11 10.14 21.60
CA ASP B 50 -25.08 9.32 22.81
C ASP B 50 -26.17 8.27 22.77
N MET B 51 -26.22 7.42 23.79
CA MET B 51 -27.20 6.35 23.85
C MET B 51 -28.64 6.84 23.64
N GLN B 52 -29.00 7.94 24.29
CA GLN B 52 -30.34 8.50 24.17
C GLN B 52 -30.71 8.97 22.76
N SER B 53 -29.81 9.71 22.12
CA SER B 53 -30.10 10.19 20.77
C SER B 53 -30.24 9.01 19.80
N LEU B 54 -29.58 7.89 20.11
CA LEU B 54 -29.67 6.70 19.27
C LEU B 54 -31.11 6.18 19.28
N MET B 55 -31.66 5.98 20.49
CA MET B 55 -33.02 5.51 20.64
C MET B 55 -33.96 6.46 19.90
N MET B 56 -33.75 7.75 20.13
CA MET B 56 -34.54 8.80 19.49
C MET B 56 -34.43 8.68 17.97
N GLY B 57 -33.26 8.26 17.49
CA GLY B 57 -33.04 8.14 16.06
C GLY B 57 -33.73 6.97 15.38
N GLU B 58 -33.89 5.87 16.11
CA GLU B 58 -34.53 4.68 15.56
C GLU B 58 -35.88 4.96 14.91
N ASP B 59 -36.49 6.09 15.26
CA ASP B 59 -37.78 6.48 14.70
C ASP B 59 -37.84 7.97 14.45
N LYS B 74 -28.74 -7.63 20.52
CA LYS B 74 -28.89 -7.61 21.98
C LYS B 74 -28.72 -6.19 22.50
N GLU B 75 -27.47 -5.77 22.69
CA GLU B 75 -27.18 -4.43 23.20
C GLU B 75 -27.03 -3.45 22.04
N VAL B 76 -26.71 -2.20 22.36
CA VAL B 76 -26.55 -1.16 21.35
C VAL B 76 -25.36 -1.41 20.41
N ALA B 77 -24.20 -1.72 20.98
CA ALA B 77 -23.01 -1.98 20.18
C ALA B 77 -23.31 -3.05 19.13
N ILE B 78 -24.02 -4.09 19.56
CA ILE B 78 -24.39 -5.19 18.69
C ILE B 78 -25.39 -4.77 17.62
N ARG B 79 -26.39 -3.99 18.00
CA ARG B 79 -27.40 -3.56 17.05
C ARG B 79 -26.79 -2.59 16.03
N ILE B 80 -25.81 -1.81 16.47
CA ILE B 80 -25.16 -0.85 15.58
C ILE B 80 -24.27 -1.57 14.56
N PHE B 81 -23.62 -2.64 15.01
CA PHE B 81 -22.76 -3.41 14.12
C PHE B 81 -23.58 -4.12 13.07
N GLN B 82 -24.72 -4.65 13.47
CA GLN B 82 -25.59 -5.38 12.56
C GLN B 82 -26.13 -4.48 11.46
N GLY B 83 -26.39 -3.23 11.78
CA GLY B 83 -26.87 -2.28 10.79
C GLY B 83 -25.79 -1.91 9.81
N CYS B 84 -24.55 -1.95 10.27
CA CYS B 84 -23.40 -1.64 9.44
C CYS B 84 -23.27 -2.77 8.41
N GLN B 85 -23.67 -3.97 8.80
CA GLN B 85 -23.63 -5.13 7.93
C GLN B 85 -24.70 -5.04 6.87
N PHE B 86 -25.90 -4.64 7.27
CA PHE B 86 -27.02 -4.48 6.36
C PHE B 86 -26.68 -3.47 5.26
N ARG B 87 -26.13 -2.33 5.68
CA ARG B 87 -25.76 -1.29 4.74
C ARG B 87 -24.62 -1.73 3.84
N SER B 88 -23.71 -2.54 4.39
CA SER B 88 -22.62 -3.08 3.59
C SER B 88 -23.16 -3.97 2.49
N VAL B 89 -24.12 -4.83 2.85
CA VAL B 89 -24.71 -5.72 1.86
C VAL B 89 -25.34 -4.88 0.74
N GLU B 90 -25.96 -3.75 1.10
CA GLU B 90 -26.54 -2.89 0.06
C GLU B 90 -25.44 -2.34 -0.82
N ALA B 91 -24.41 -1.76 -0.17
CA ALA B 91 -23.28 -1.17 -0.89
C ALA B 91 -22.69 -2.14 -1.90
N VAL B 92 -22.51 -3.40 -1.50
CA VAL B 92 -21.97 -4.41 -2.42
C VAL B 92 -22.73 -4.44 -3.76
N GLN B 93 -24.06 -4.35 -3.70
CA GLN B 93 -24.87 -4.40 -4.91
C GLN B 93 -24.74 -3.13 -5.76
N GLU B 94 -24.53 -2.00 -5.10
CA GLU B 94 -24.36 -0.75 -5.82
C GLU B 94 -23.03 -0.80 -6.56
N ILE B 95 -22.00 -1.33 -5.90
CA ILE B 95 -20.68 -1.43 -6.51
C ILE B 95 -20.69 -2.44 -7.64
N THR B 96 -21.35 -3.58 -7.39
CA THR B 96 -21.47 -4.62 -8.40
C THR B 96 -22.08 -4.05 -9.68
N GLU B 97 -23.13 -3.28 -9.52
CA GLU B 97 -23.82 -2.67 -10.64
C GLU B 97 -22.88 -1.70 -11.35
N TYR B 98 -22.25 -0.82 -10.58
CA TYR B 98 -21.30 0.14 -11.13
C TYR B 98 -20.18 -0.56 -11.90
N ALA B 99 -19.65 -1.64 -11.34
CA ALA B 99 -18.57 -2.40 -11.98
C ALA B 99 -18.93 -2.83 -13.40
N LYS B 100 -20.17 -3.28 -13.59
CA LYS B 100 -20.61 -3.74 -14.90
C LYS B 100 -20.61 -2.67 -15.97
N SER B 101 -20.55 -1.40 -15.59
CA SER B 101 -20.53 -0.32 -16.56
C SER B 101 -19.10 -0.01 -17.02
N ILE B 102 -18.11 -0.47 -16.26
CA ILE B 102 -16.72 -0.22 -16.61
C ILE B 102 -16.42 -0.96 -17.91
N PRO B 103 -16.09 -0.21 -18.97
CA PRO B 103 -15.80 -0.86 -20.26
C PRO B 103 -14.82 -2.04 -20.10
N GLY B 104 -15.21 -3.19 -20.64
CA GLY B 104 -14.37 -4.37 -20.58
C GLY B 104 -14.67 -5.34 -19.45
N PHE B 105 -15.23 -4.85 -18.36
CA PHE B 105 -15.49 -5.71 -17.21
C PHE B 105 -16.35 -6.97 -17.47
N VAL B 106 -17.51 -6.80 -18.12
CA VAL B 106 -18.38 -7.96 -18.35
C VAL B 106 -17.81 -9.00 -19.30
N ASN B 107 -16.91 -8.58 -20.18
CA ASN B 107 -16.30 -9.50 -21.14
C ASN B 107 -15.25 -10.42 -20.51
N LEU B 108 -14.97 -10.22 -19.22
CA LEU B 108 -13.97 -11.02 -18.51
C LEU B 108 -14.57 -12.33 -18.04
N ASP B 109 -13.71 -13.32 -17.81
CA ASP B 109 -14.13 -14.62 -17.30
C ASP B 109 -15.04 -14.36 -16.09
N LEU B 110 -16.17 -15.04 -16.02
CA LEU B 110 -17.11 -14.85 -14.93
C LEU B 110 -16.52 -15.06 -13.55
N ASN B 111 -15.66 -16.08 -13.41
CA ASN B 111 -15.01 -16.37 -12.15
C ASN B 111 -14.10 -15.19 -11.75
N ASP B 112 -13.42 -14.59 -12.72
CA ASP B 112 -12.54 -13.47 -12.43
C ASP B 112 -13.37 -12.25 -12.04
N GLN B 113 -14.57 -12.13 -12.58
CA GLN B 113 -15.43 -11.00 -12.22
C GLN B 113 -15.81 -11.14 -10.76
N VAL B 114 -16.16 -12.35 -10.35
CA VAL B 114 -16.55 -12.59 -8.97
C VAL B 114 -15.38 -12.35 -8.01
N THR B 115 -14.19 -12.74 -8.45
CA THR B 115 -12.98 -12.58 -7.64
C THR B 115 -12.66 -11.10 -7.41
N LEU B 116 -12.68 -10.32 -8.49
CA LEU B 116 -12.43 -8.89 -8.40
C LEU B 116 -13.41 -8.22 -7.45
N LEU B 117 -14.71 -8.49 -7.61
CA LEU B 117 -15.73 -7.91 -6.75
C LEU B 117 -15.51 -8.33 -5.30
N LYS B 118 -15.29 -9.62 -5.10
CA LYS B 118 -15.08 -10.16 -3.76
C LYS B 118 -13.97 -9.46 -2.97
N TYR B 119 -12.84 -9.20 -3.63
CA TYR B 119 -11.72 -8.56 -2.95
C TYR B 119 -11.73 -7.04 -3.05
N GLY B 120 -12.41 -6.51 -4.05
CA GLY B 120 -12.42 -5.08 -4.23
C GLY B 120 -13.43 -4.29 -3.42
N VAL B 121 -14.57 -4.90 -3.08
CA VAL B 121 -15.61 -4.18 -2.35
C VAL B 121 -15.23 -3.57 -1.01
N HIS B 122 -14.40 -4.24 -0.23
CA HIS B 122 -14.00 -3.67 1.07
C HIS B 122 -13.20 -2.37 0.89
N GLU B 123 -12.26 -2.38 -0.06
CA GLU B 123 -11.44 -1.22 -0.33
C GLU B 123 -12.28 -0.04 -0.82
N ILE B 124 -13.28 -0.35 -1.65
CA ILE B 124 -14.17 0.66 -2.22
C ILE B 124 -15.13 1.20 -1.17
N ILE B 125 -15.63 0.32 -0.30
CA ILE B 125 -16.55 0.71 0.75
C ILE B 125 -15.91 1.75 1.67
N TYR B 126 -14.67 1.49 2.11
CA TYR B 126 -13.98 2.43 2.98
C TYR B 126 -13.57 3.69 2.27
N THR B 127 -13.37 3.60 0.96
CA THR B 127 -13.02 4.74 0.15
C THR B 127 -14.20 5.70 0.10
N MET B 128 -15.37 5.16 -0.25
CA MET B 128 -16.58 5.95 -0.38
C MET B 128 -17.10 6.45 0.96
N LEU B 129 -16.83 5.69 2.02
CA LEU B 129 -17.26 6.05 3.36
C LEU B 129 -16.56 7.36 3.80
N ALA B 130 -15.35 7.58 3.29
CA ALA B 130 -14.62 8.79 3.62
C ALA B 130 -15.42 10.00 3.16
N SER B 131 -16.10 9.84 2.02
CA SER B 131 -16.93 10.91 1.47
C SER B 131 -18.04 11.35 2.43
N LEU B 132 -18.43 10.46 3.33
CA LEU B 132 -19.50 10.76 4.27
C LEU B 132 -18.96 11.10 5.67
N MET B 133 -17.65 11.23 5.81
CA MET B 133 -17.04 11.55 7.09
C MET B 133 -16.28 12.87 7.14
N ASN B 134 -16.08 13.35 8.36
CA ASN B 134 -15.27 14.53 8.62
C ASN B 134 -14.61 14.12 9.93
N LYS B 135 -13.72 14.94 10.45
CA LYS B 135 -13.01 14.61 11.68
C LYS B 135 -13.91 14.38 12.90
N ASP B 136 -15.18 14.80 12.81
CA ASP B 136 -16.11 14.64 13.94
C ASP B 136 -17.23 13.59 13.82
N GLY B 137 -17.42 13.02 12.63
CA GLY B 137 -18.48 12.03 12.50
C GLY B 137 -18.77 11.51 11.10
N VAL B 138 -19.77 10.64 11.00
CA VAL B 138 -20.15 10.04 9.72
C VAL B 138 -21.66 10.09 9.47
N LEU B 139 -22.04 10.34 8.22
CA LEU B 139 -23.45 10.38 7.81
C LEU B 139 -23.98 8.97 7.64
N ILE B 140 -25.23 8.74 8.04
CA ILE B 140 -25.84 7.42 7.90
C ILE B 140 -27.21 7.51 7.24
N SER B 141 -27.75 6.36 6.83
CA SER B 141 -29.05 6.27 6.18
C SER B 141 -29.25 7.36 5.12
N GLU B 142 -28.39 7.32 4.11
CA GLU B 142 -28.42 8.26 2.99
C GLU B 142 -28.45 9.74 3.40
N GLY B 143 -27.64 10.07 4.41
CA GLY B 143 -27.55 11.45 4.85
C GLY B 143 -28.64 11.93 5.79
N GLN B 144 -29.60 11.06 6.09
CA GLN B 144 -30.69 11.44 6.98
C GLN B 144 -30.17 11.61 8.41
N GLY B 145 -29.08 10.91 8.74
CA GLY B 145 -28.54 11.00 10.07
C GLY B 145 -27.05 11.30 10.13
N PHE B 146 -26.53 11.46 11.36
CA PHE B 146 -25.12 11.75 11.59
C PHE B 146 -24.72 11.15 12.93
N MET B 147 -23.83 10.16 12.90
CA MET B 147 -23.37 9.53 14.13
C MET B 147 -22.03 10.14 14.47
N THR B 148 -21.85 10.61 15.70
CA THR B 148 -20.59 11.25 16.06
C THR B 148 -19.46 10.27 16.29
N ARG B 149 -18.25 10.73 15.97
CA ARG B 149 -17.02 9.95 16.11
C ARG B 149 -16.77 9.51 17.54
N GLU B 150 -17.12 10.38 18.48
CA GLU B 150 -16.90 10.09 19.89
C GLU B 150 -17.86 9.01 20.38
N PHE B 151 -19.13 9.14 20.02
CA PHE B 151 -20.12 8.15 20.44
C PHE B 151 -19.72 6.75 19.96
N LEU B 152 -19.23 6.65 18.72
CA LEU B 152 -18.80 5.38 18.16
C LEU B 152 -17.59 4.84 18.93
N LYS B 153 -16.75 5.75 19.40
CA LYS B 153 -15.56 5.37 20.15
C LYS B 153 -15.87 4.96 21.59
N SER B 154 -16.99 5.43 22.12
CA SER B 154 -17.36 5.10 23.50
C SER B 154 -17.94 3.69 23.60
N LEU B 155 -18.31 3.10 22.47
CA LEU B 155 -18.86 1.75 22.47
C LEU B 155 -17.87 0.82 23.18
N ARG B 156 -18.40 -0.13 23.94
CA ARG B 156 -17.54 -1.07 24.66
C ARG B 156 -16.73 -1.96 23.73
N LYS B 157 -15.55 -2.36 24.19
CA LYS B 157 -14.64 -3.22 23.41
C LYS B 157 -15.32 -4.52 22.98
N PRO B 158 -15.01 -4.99 21.75
CA PRO B 158 -14.09 -4.40 20.78
C PRO B 158 -14.78 -3.55 19.73
N PHE B 159 -16.04 -3.22 19.96
CA PHE B 159 -16.83 -2.42 19.03
C PHE B 159 -16.44 -0.95 19.00
N GLY B 160 -15.80 -0.47 20.06
CA GLY B 160 -15.39 0.92 20.12
C GLY B 160 -14.12 1.23 19.37
N ASP B 161 -13.45 0.20 18.86
CA ASP B 161 -12.20 0.37 18.13
C ASP B 161 -12.41 0.06 16.65
N PHE B 162 -13.67 -0.14 16.29
CA PHE B 162 -14.06 -0.48 14.93
C PHE B 162 -13.93 0.67 13.92
N MET B 163 -14.60 1.78 14.23
CA MET B 163 -14.61 2.94 13.34
C MET B 163 -13.45 3.93 13.45
N GLU B 164 -12.77 3.94 14.60
CA GLU B 164 -11.67 4.87 14.79
C GLU B 164 -10.61 4.83 13.68
N PRO B 165 -10.17 3.62 13.26
CA PRO B 165 -9.17 3.57 12.19
C PRO B 165 -9.69 4.08 10.84
N LYS B 166 -11.01 4.04 10.63
CA LYS B 166 -11.58 4.55 9.38
C LYS B 166 -11.57 6.08 9.35
N PHE B 167 -11.88 6.70 10.48
CA PHE B 167 -11.88 8.16 10.59
C PHE B 167 -10.51 8.74 10.28
N GLU B 168 -9.48 8.09 10.82
CA GLU B 168 -8.11 8.53 10.61
C GLU B 168 -7.73 8.46 9.15
N PHE B 169 -8.16 7.39 8.47
CA PHE B 169 -7.89 7.24 7.05
C PHE B 169 -8.65 8.33 6.29
N ALA B 170 -9.91 8.51 6.65
CA ALA B 170 -10.76 9.52 6.02
C ALA B 170 -10.17 10.92 6.09
N VAL B 171 -9.78 11.32 7.29
CA VAL B 171 -9.20 12.64 7.51
C VAL B 171 -8.04 12.89 6.54
N LYS B 172 -7.16 11.91 6.40
CA LYS B 172 -6.03 12.05 5.49
C LYS B 172 -6.51 11.97 4.04
N PHE B 173 -7.35 10.99 3.73
CA PHE B 173 -7.85 10.82 2.37
C PHE B 173 -8.59 12.06 1.90
N ASN B 174 -9.45 12.61 2.76
CA ASN B 174 -10.21 13.79 2.39
C ASN B 174 -9.37 15.05 2.18
N ALA B 175 -8.15 15.05 2.69
CA ALA B 175 -7.26 16.20 2.52
C ALA B 175 -6.84 16.34 1.06
N LEU B 176 -7.12 15.31 0.26
CA LEU B 176 -6.79 15.36 -1.16
C LEU B 176 -7.84 16.16 -1.92
N GLU B 177 -8.97 16.40 -1.27
CA GLU B 177 -10.05 17.17 -1.87
C GLU B 177 -10.52 16.68 -3.24
N LEU B 178 -10.66 15.36 -3.37
CA LEU B 178 -11.14 14.76 -4.62
C LEU B 178 -12.63 14.99 -4.77
N ASP B 179 -13.15 15.01 -5.99
CA ASP B 179 -14.59 15.14 -6.16
C ASP B 179 -15.11 13.90 -6.88
N ASP B 180 -16.43 13.78 -6.98
CA ASP B 180 -17.07 12.63 -7.61
C ASP B 180 -16.47 12.19 -8.94
N SER B 181 -16.21 13.13 -9.84
CA SER B 181 -15.65 12.78 -11.13
C SER B 181 -14.30 12.10 -10.95
N ASP B 182 -13.53 12.52 -9.94
CA ASP B 182 -12.24 11.91 -9.68
C ASP B 182 -12.39 10.50 -9.09
N LEU B 183 -13.24 10.38 -8.07
CA LEU B 183 -13.47 9.11 -7.38
C LEU B 183 -14.05 8.02 -8.28
N ALA B 184 -14.88 8.42 -9.24
CA ALA B 184 -15.48 7.45 -10.15
C ALA B 184 -14.39 6.61 -10.83
N ILE B 185 -13.33 7.27 -11.29
CA ILE B 185 -12.23 6.56 -11.97
C ILE B 185 -11.37 5.79 -10.95
N PHE B 186 -11.06 6.43 -9.84
CA PHE B 186 -10.27 5.79 -8.80
C PHE B 186 -10.92 4.44 -8.39
N ILE B 187 -12.21 4.45 -8.12
CA ILE B 187 -12.92 3.23 -7.73
C ILE B 187 -12.82 2.15 -8.82
N ALA B 188 -12.90 2.57 -10.09
CA ALA B 188 -12.78 1.63 -11.20
C ALA B 188 -11.37 1.02 -11.19
N VAL B 189 -10.38 1.84 -10.88
CA VAL B 189 -8.99 1.39 -10.80
C VAL B 189 -8.85 0.31 -9.72
N ILE B 190 -9.53 0.51 -8.59
CA ILE B 190 -9.47 -0.45 -7.48
C ILE B 190 -10.06 -1.82 -7.84
N ILE B 191 -11.20 -1.80 -8.54
CA ILE B 191 -11.86 -3.03 -8.93
C ILE B 191 -10.98 -3.84 -9.86
N LEU B 192 -10.35 -3.14 -10.79
CA LEU B 192 -9.48 -3.83 -11.73
C LEU B 192 -8.04 -4.04 -11.31
N SER B 193 -7.85 -4.66 -10.15
CA SER B 193 -6.52 -4.98 -9.62
C SER B 193 -6.14 -6.43 -10.02
N GLY B 194 -5.08 -6.56 -10.81
CA GLY B 194 -4.64 -7.86 -11.26
C GLY B 194 -3.91 -8.71 -10.25
N ASP B 195 -3.79 -8.22 -9.03
CA ASP B 195 -3.08 -8.96 -8.00
C ASP B 195 -3.97 -9.68 -7.00
N ARG B 196 -5.27 -9.78 -7.28
CA ARG B 196 -6.17 -10.47 -6.36
C ARG B 196 -5.85 -11.95 -6.49
N PRO B 197 -5.93 -12.70 -5.38
CA PRO B 197 -5.62 -14.13 -5.47
C PRO B 197 -6.70 -14.95 -6.18
N GLY B 198 -6.28 -15.95 -6.94
CA GLY B 198 -7.21 -16.80 -7.65
C GLY B 198 -7.55 -16.35 -9.06
N LEU B 199 -7.07 -15.19 -9.47
CA LEU B 199 -7.38 -14.70 -10.81
C LEU B 199 -6.91 -15.70 -11.87
N LEU B 200 -7.73 -15.90 -12.91
CA LEU B 200 -7.42 -16.84 -13.98
C LEU B 200 -6.76 -16.21 -15.22
N ASN B 201 -7.17 -15.00 -15.57
CA ASN B 201 -6.60 -14.34 -16.73
C ASN B 201 -6.34 -12.87 -16.38
N VAL B 202 -5.21 -12.61 -15.73
CA VAL B 202 -4.93 -11.24 -15.31
C VAL B 202 -4.51 -10.26 -16.40
N LYS B 203 -4.20 -10.73 -17.60
CA LYS B 203 -3.81 -9.81 -18.66
C LYS B 203 -4.87 -8.77 -19.00
N PRO B 204 -6.08 -9.21 -19.43
CA PRO B 204 -7.12 -8.25 -19.78
C PRO B 204 -7.49 -7.33 -18.62
N ILE B 205 -7.29 -7.80 -17.40
CA ILE B 205 -7.59 -6.99 -16.23
C ILE B 205 -6.60 -5.83 -16.13
N GLU B 206 -5.32 -6.15 -16.23
CA GLU B 206 -4.29 -5.11 -16.16
C GLU B 206 -4.38 -4.15 -17.34
N ASP B 207 -4.79 -4.65 -18.50
CA ASP B 207 -4.93 -3.82 -19.69
C ASP B 207 -6.03 -2.78 -19.45
N ILE B 208 -7.12 -3.19 -18.81
CA ILE B 208 -8.21 -2.28 -18.50
C ILE B 208 -7.75 -1.29 -17.42
N GLN B 209 -7.08 -1.79 -16.39
CA GLN B 209 -6.62 -0.89 -15.34
C GLN B 209 -5.64 0.16 -15.89
N ASP B 210 -4.81 -0.22 -16.85
CA ASP B 210 -3.86 0.72 -17.45
C ASP B 210 -4.63 1.86 -18.11
N ASN B 211 -5.67 1.51 -18.85
CA ASN B 211 -6.50 2.49 -19.52
C ASN B 211 -7.18 3.37 -18.48
N LEU B 212 -7.57 2.76 -17.35
CA LEU B 212 -8.22 3.50 -16.27
C LEU B 212 -7.23 4.44 -15.55
N LEU B 213 -6.02 3.96 -15.31
CA LEU B 213 -4.98 4.77 -14.63
C LEU B 213 -4.62 5.97 -15.49
N GLN B 214 -4.66 5.76 -16.79
CA GLN B 214 -4.36 6.80 -17.77
C GLN B 214 -5.47 7.86 -17.73
N ALA B 215 -6.71 7.41 -17.64
CA ALA B 215 -7.83 8.36 -17.60
C ALA B 215 -7.87 9.12 -16.28
N LEU B 216 -7.38 8.48 -15.21
CA LEU B 216 -7.37 9.09 -13.88
C LEU B 216 -6.40 10.26 -13.88
N GLU B 217 -5.19 9.99 -14.36
CA GLU B 217 -4.11 10.96 -14.45
C GLU B 217 -4.53 12.23 -15.20
N LEU B 218 -5.12 12.07 -16.37
CA LEU B 218 -5.56 13.22 -17.15
C LEU B 218 -6.63 13.99 -16.37
N GLN B 219 -7.59 13.25 -15.81
CA GLN B 219 -8.66 13.84 -15.02
C GLN B 219 -8.10 14.75 -13.93
N LEU B 220 -7.16 14.23 -13.16
CA LEU B 220 -6.54 14.99 -12.07
C LEU B 220 -5.70 16.18 -12.56
N LYS B 221 -5.09 16.05 -13.74
CA LYS B 221 -4.29 17.14 -14.28
C LYS B 221 -5.21 18.29 -14.72
N LEU B 222 -6.30 17.96 -15.37
CA LEU B 222 -7.26 18.95 -15.85
C LEU B 222 -8.17 19.49 -14.75
N ASN B 223 -8.45 18.66 -13.75
CA ASN B 223 -9.33 19.07 -12.66
C ASN B 223 -8.61 19.71 -11.47
N HIS B 224 -7.31 19.46 -11.36
CA HIS B 224 -6.52 20.01 -10.25
C HIS B 224 -5.15 20.43 -10.74
N PRO B 225 -5.08 21.34 -11.72
CA PRO B 225 -3.77 21.78 -12.22
C PRO B 225 -2.81 22.30 -11.17
N GLU B 226 -3.33 22.85 -10.07
CA GLU B 226 -2.47 23.39 -9.01
C GLU B 226 -2.01 22.40 -7.95
N SER B 227 -2.50 21.17 -8.01
CA SER B 227 -2.15 20.13 -7.04
C SER B 227 -1.11 19.20 -7.67
N SER B 228 0.16 19.51 -7.47
CA SER B 228 1.26 18.73 -8.04
C SER B 228 1.32 17.31 -7.52
N GLN B 229 1.55 16.37 -8.42
CA GLN B 229 1.64 14.95 -8.06
C GLN B 229 0.43 14.40 -7.30
N LEU B 230 -0.76 14.93 -7.56
CA LEU B 230 -1.97 14.43 -6.89
C LEU B 230 -2.19 12.96 -7.24
N PHE B 231 -1.93 12.61 -8.50
CA PHE B 231 -2.08 11.23 -8.99
C PHE B 231 -1.23 10.29 -8.13
N ALA B 232 0.06 10.61 -8.00
CA ALA B 232 0.96 9.80 -7.20
C ALA B 232 0.47 9.71 -5.76
N LYS B 233 -0.03 10.82 -5.23
CA LYS B 233 -0.52 10.83 -3.86
C LYS B 233 -1.77 9.98 -3.65
N LEU B 234 -2.63 9.94 -4.67
CA LEU B 234 -3.84 9.15 -4.57
C LEU B 234 -3.47 7.67 -4.61
N LEU B 235 -2.56 7.30 -5.51
CA LEU B 235 -2.13 5.91 -5.64
C LEU B 235 -1.49 5.41 -4.35
N GLN B 236 -0.76 6.29 -3.66
CA GLN B 236 -0.11 5.91 -2.41
C GLN B 236 -1.15 5.60 -1.35
N LYS B 237 -2.35 6.17 -1.50
CA LYS B 237 -3.43 5.94 -0.55
C LYS B 237 -3.94 4.51 -0.58
N MET B 238 -3.74 3.83 -1.71
CA MET B 238 -4.18 2.44 -1.83
C MET B 238 -3.45 1.59 -0.78
N THR B 239 -2.34 2.11 -0.29
CA THR B 239 -1.56 1.42 0.74
C THR B 239 -2.33 1.45 2.07
N ASP B 240 -2.81 2.63 2.43
CA ASP B 240 -3.56 2.80 3.67
C ASP B 240 -4.84 1.97 3.66
N LEU B 241 -5.49 1.91 2.50
CA LEU B 241 -6.71 1.13 2.35
C LEU B 241 -6.57 -0.34 2.73
N ARG B 242 -5.60 -1.02 2.12
CA ARG B 242 -5.41 -2.43 2.41
C ARG B 242 -5.06 -2.70 3.86
N GLN B 243 -4.28 -1.81 4.47
CA GLN B 243 -3.94 -1.99 5.86
C GLN B 243 -5.24 -1.90 6.65
N ILE B 244 -6.12 -0.99 6.22
CA ILE B 244 -7.42 -0.82 6.88
C ILE B 244 -8.22 -2.11 6.74
N VAL B 245 -8.32 -2.62 5.51
CA VAL B 245 -9.06 -3.84 5.24
C VAL B 245 -8.55 -5.03 6.03
N THR B 246 -7.25 -5.27 5.95
CA THR B 246 -6.63 -6.37 6.67
C THR B 246 -6.91 -6.27 8.16
N GLU B 247 -6.67 -5.07 8.70
CA GLU B 247 -6.89 -4.80 10.11
C GLU B 247 -8.34 -5.05 10.50
N HIS B 248 -9.25 -4.86 9.53
CA HIS B 248 -10.67 -5.04 9.77
C HIS B 248 -11.09 -6.51 9.83
N VAL B 249 -10.48 -7.36 9.03
CA VAL B 249 -10.84 -8.77 9.06
C VAL B 249 -10.47 -9.34 10.44
N GLN B 250 -9.41 -8.79 11.03
CA GLN B 250 -8.96 -9.23 12.35
C GLN B 250 -10.02 -8.91 13.41
N LEU B 251 -10.54 -7.68 13.38
CA LEU B 251 -11.57 -7.27 14.33
C LEU B 251 -12.81 -8.13 14.17
N LEU B 252 -13.00 -8.69 12.97
CA LEU B 252 -14.15 -9.54 12.68
C LEU B 252 -14.01 -10.93 13.28
N GLN B 253 -12.83 -11.53 13.13
CA GLN B 253 -12.60 -12.86 13.67
C GLN B 253 -12.72 -12.84 15.19
N VAL B 254 -12.23 -11.78 15.81
CA VAL B 254 -12.28 -11.65 17.27
C VAL B 254 -13.71 -11.72 17.78
N ILE B 255 -14.60 -10.93 17.20
CA ILE B 255 -16.00 -10.93 17.62
C ILE B 255 -16.68 -12.23 17.21
N LYS B 256 -16.25 -12.79 16.08
CA LYS B 256 -16.81 -14.04 15.59
C LYS B 256 -16.63 -15.10 16.66
N LYS B 257 -15.48 -15.05 17.33
CA LYS B 257 -15.16 -15.99 18.38
C LYS B 257 -16.01 -15.74 19.62
N THR B 258 -16.33 -14.46 19.85
CA THR B 258 -17.13 -14.06 21.00
C THR B 258 -18.41 -13.37 20.56
N PRO B 266 -30.58 -17.55 11.82
CA PRO B 266 -30.41 -18.66 10.88
C PRO B 266 -30.30 -18.18 9.44
N LEU B 267 -31.42 -17.76 8.87
CA LEU B 267 -31.43 -17.27 7.49
C LEU B 267 -30.71 -15.93 7.42
N LEU B 268 -30.44 -15.34 8.58
CA LEU B 268 -29.75 -14.05 8.65
C LEU B 268 -28.24 -14.21 8.54
N GLN B 269 -27.70 -15.21 9.23
CA GLN B 269 -26.26 -15.46 9.17
C GLN B 269 -25.86 -15.79 7.74
N GLU B 270 -26.76 -16.45 7.03
CA GLU B 270 -26.52 -16.85 5.64
C GLU B 270 -26.32 -15.62 4.76
N ILE B 271 -27.07 -14.56 5.03
CA ILE B 271 -27.00 -13.34 4.26
C ILE B 271 -25.73 -12.54 4.54
N TYR B 272 -25.25 -12.59 5.78
CA TYR B 272 -24.06 -11.83 6.17
C TYR B 272 -22.76 -12.64 6.27
N LYS B 273 -22.68 -13.76 5.57
CA LYS B 273 -21.45 -14.57 5.62
C LYS B 273 -20.29 -13.87 4.93
#